data_3AC1
#
_entry.id   3AC1
#
_cell.length_a   73.821
_cell.length_b   92.620
_cell.length_c   42.208
_cell.angle_alpha   90.00
_cell.angle_beta   90.00
_cell.angle_gamma   90.00
#
_symmetry.space_group_name_H-M   'P 21 21 21'
#
loop_
_entity.id
_entity.type
_entity.pdbx_description
1 polymer 'Proto-oncogene tyrosine-protein kinase LCK'
2 non-polymer 'SULFATE ION'
3 non-polymer 'DIMETHYL SULFOXIDE'
4 non-polymer (4S)-2-METHYL-2,4-PENTANEDIOL
5 non-polymer 5-{[(1R,2S)-2-aminocyclohexyl]amino}-3-[(3,5-dimethoxyphenyl)amino]pyrazine-2-carboxamide
6 water water
#
_entity_poly.entity_id   1
_entity_poly.type   'polypeptide(L)'
_entity_poly.pdbx_seq_one_letter_code
;QTQKPQKPWWEDEWEVPRETLKLVERLGAGQFGEVWMGYYNGHTKVAVKSLKQGSMSPDAFLAEANLMKQLQHQRLVRLY
AVVTQEPIYIITEYMENGSLVDFLKTPSGIKLTINKLLDMAAQIAEGMAFIEERNYIHRDLRAANILVSDTLSCKIADFG
LARLIEDNE(PTR)TAREGAKFPIKWTAPEAINYGTFTIKSDVWSFGILLTEIVTHGRIPYPGMTNPEVIQNLERGYRMV
RPDNCPEELYQLMRLCWKERPEDRPTFDYLRSVLEDFFTATEGQYQPQP
;
_entity_poly.pdbx_strand_id   A
#
# COMPACT_ATOMS: atom_id res chain seq x y z
N LYS A 7 8.28 25.09 -3.23
CA LYS A 7 8.33 26.28 -2.33
C LYS A 7 9.36 26.08 -1.24
N PRO A 8 10.12 27.14 -0.93
CA PRO A 8 11.11 26.98 0.14
C PRO A 8 10.39 26.79 1.47
N TRP A 9 11.10 26.27 2.47
CA TRP A 9 10.48 25.94 3.75
C TRP A 9 9.70 27.10 4.41
N TRP A 10 10.13 28.33 4.19
CA TRP A 10 9.48 29.47 4.85
C TRP A 10 8.17 29.85 4.17
N GLU A 11 7.93 29.32 2.98
CA GLU A 11 6.64 29.51 2.27
C GLU A 11 5.80 28.24 2.14
N ASP A 12 6.40 27.09 2.44
CA ASP A 12 5.71 25.82 2.31
C ASP A 12 4.54 25.70 3.33
N GLU A 13 3.29 25.62 2.83
CA GLU A 13 2.13 25.41 3.72
C GLU A 13 2.23 24.14 4.58
N TRP A 14 3.07 23.17 4.18
CA TRP A 14 3.21 21.95 4.95
C TRP A 14 4.20 22.00 6.08
N GLU A 15 5.15 22.94 6.01
CA GLU A 15 6.17 23.05 7.07
C GLU A 15 5.50 23.45 8.39
N VAL A 16 5.84 22.77 9.48
CA VAL A 16 5.46 23.20 10.83
C VAL A 16 6.70 23.30 11.73
N PRO A 17 6.69 24.19 12.73
CA PRO A 17 7.76 24.19 13.72
C PRO A 17 7.78 22.85 14.50
N ARG A 18 8.98 22.32 14.76
CA ARG A 18 9.09 21.05 15.49
C ARG A 18 8.39 21.10 16.86
N GLU A 19 8.32 22.31 17.44
CA GLU A 19 7.74 22.53 18.78
C GLU A 19 6.24 22.17 18.79
N THR A 20 5.61 22.19 17.63
CA THR A 20 4.19 21.82 17.55
C THR A 20 3.95 20.31 17.81
N LEU A 21 5.03 19.52 17.82
CA LEU A 21 4.90 18.08 17.91
C LEU A 21 5.40 17.46 19.20
N LYS A 22 4.63 16.50 19.72
CA LYS A 22 5.06 15.70 20.88
C LYS A 22 4.95 14.21 20.54
N LEU A 23 6.10 13.54 20.48
CA LEU A 23 6.18 12.11 20.15
C LEU A 23 5.96 11.29 21.41
N VAL A 24 4.97 10.39 21.36
CA VAL A 24 4.48 9.74 22.56
C VAL A 24 4.83 8.25 22.63
N GLU A 25 4.58 7.53 21.53
CA GLU A 25 4.75 6.08 21.56
C GLU A 25 5.46 5.63 20.28
N ARG A 26 6.56 4.91 20.44
CA ARG A 26 7.24 4.42 19.26
C ARG A 26 6.52 3.23 18.66
N LEU A 27 6.21 3.30 17.37
CA LEU A 27 5.44 2.24 16.72
C LEU A 27 6.33 1.30 15.95
N GLY A 28 7.44 1.84 15.43
CA GLY A 28 8.40 1.02 14.69
C GLY A 28 9.77 1.66 14.60
N ALA A 29 10.77 0.85 14.26
CA ALA A 29 12.13 1.37 14.12
C ALA A 29 12.89 0.45 13.19
N GLY A 30 13.68 1.07 12.33
CA GLY A 30 14.35 0.34 11.29
C GLY A 30 15.63 1.06 10.95
N GLN A 31 16.26 0.59 9.90
CA GLN A 31 17.56 1.06 9.45
C GLN A 31 17.53 2.55 9.09
N PHE A 32 16.37 3.02 8.62
CA PHE A 32 16.26 4.39 8.08
C PHE A 32 15.53 5.38 8.98
N GLY A 33 15.08 4.92 10.14
CA GLY A 33 14.45 5.79 11.09
C GLY A 33 13.35 5.08 11.87
N GLU A 34 12.52 5.90 12.51
CA GLU A 34 11.49 5.44 13.42
C GLU A 34 10.11 6.01 13.05
N VAL A 35 9.07 5.37 13.54
CA VAL A 35 7.71 5.84 13.34
C VAL A 35 7.05 5.89 14.69
N TRP A 36 6.50 7.06 15.01
CA TRP A 36 5.90 7.33 16.30
C TRP A 36 4.45 7.75 16.16
N MET A 37 3.63 7.39 17.16
CA MET A 37 2.36 8.10 17.42
C MET A 37 2.69 9.33 18.24
N GLY A 38 2.13 10.48 17.85
CA GLY A 38 2.33 11.71 18.59
C GLY A 38 1.11 12.61 18.48
N TYR A 39 1.26 13.83 19.02
CA TYR A 39 0.21 14.88 18.98
C TYR A 39 0.77 16.18 18.37
N TYR A 40 -0.05 16.77 17.52
CA TYR A 40 0.20 18.08 16.96
C TYR A 40 -0.66 19.08 17.72
N ASN A 41 0.00 20.12 18.24
CA ASN A 41 -0.64 21.18 18.99
C ASN A 41 -1.51 20.62 20.09
N GLY A 42 -0.99 19.61 20.81
CA GLY A 42 -1.62 19.08 22.04
C GLY A 42 -2.72 18.07 21.81
N HIS A 43 -3.54 18.30 20.80
CA HIS A 43 -4.84 17.60 20.66
C HIS A 43 -5.04 16.64 19.51
N THR A 44 -4.30 16.83 18.44
CA THR A 44 -4.52 16.07 17.20
C THR A 44 -3.48 14.94 17.04
N LYS A 45 -3.95 13.71 17.11
CA LYS A 45 -3.09 12.53 17.00
C LYS A 45 -2.59 12.36 15.57
N VAL A 46 -1.28 12.11 15.43
CA VAL A 46 -0.63 12.04 14.13
C VAL A 46 0.39 10.89 14.15
N ALA A 47 0.79 10.41 12.99
CA ALA A 47 1.96 9.50 12.88
C ALA A 47 3.14 10.34 12.47
N VAL A 48 4.29 10.14 13.11
CA VAL A 48 5.48 10.91 12.78
C VAL A 48 6.57 9.94 12.36
N LYS A 49 7.07 10.10 11.12
CA LYS A 49 8.21 9.32 10.65
C LYS A 49 9.49 10.17 10.67
N SER A 50 10.53 9.69 11.33
CA SER A 50 11.75 10.48 11.49
C SER A 50 12.86 9.83 10.70
N LEU A 51 13.67 10.64 10.05
CA LEU A 51 14.83 10.12 9.32
C LEU A 51 16.06 9.98 10.23
N LYS A 52 16.63 8.78 10.29
CA LYS A 52 17.93 8.55 10.93
C LYS A 52 19.07 9.17 10.08
N GLN A 53 19.71 10.20 10.61
CA GLN A 53 20.73 10.94 9.86
C GLN A 53 21.81 9.99 9.38
N GLY A 54 22.22 10.16 8.13
CA GLY A 54 23.27 9.31 7.55
C GLY A 54 22.79 8.04 6.90
N SER A 55 21.60 7.57 7.27
CA SER A 55 21.09 6.29 6.78
C SER A 55 20.66 6.31 5.32
N MET A 56 20.25 7.48 4.86
CA MET A 56 19.82 7.63 3.49
C MET A 56 19.75 9.13 3.27
N SER A 57 19.68 9.53 2.01
CA SER A 57 19.66 10.95 1.67
C SER A 57 18.41 11.67 2.21
N PRO A 58 18.55 12.88 2.75
CA PRO A 58 17.36 13.63 3.14
C PRO A 58 16.47 14.00 1.92
N ASP A 59 17.09 14.22 0.76
CA ASP A 59 16.30 14.49 -0.46
C ASP A 59 15.45 13.27 -0.80
N ALA A 60 16.06 12.09 -0.74
CA ALA A 60 15.36 10.82 -0.97
C ALA A 60 14.22 10.63 0.02
N PHE A 61 14.48 10.89 1.30
CA PHE A 61 13.42 10.75 2.33
C PHE A 61 12.22 11.67 2.03
N LEU A 62 12.50 12.94 1.76
CA LEU A 62 11.44 13.95 1.54
C LEU A 62 10.68 13.80 0.23
N ALA A 63 11.27 13.06 -0.71
CA ALA A 63 10.59 12.77 -1.97
C ALA A 63 9.20 12.14 -1.73
N GLU A 64 9.12 11.28 -0.74
CA GLU A 64 7.84 10.68 -0.37
C GLU A 64 6.79 11.74 0.00
N ALA A 65 7.16 12.67 0.87
CA ALA A 65 6.23 13.77 1.22
C ALA A 65 5.81 14.60 -0.02
N ASN A 66 6.77 14.88 -0.91
CA ASN A 66 6.43 15.72 -2.08
C ASN A 66 5.41 15.02 -2.95
N LEU A 67 5.57 13.72 -3.10
CA LEU A 67 4.60 12.96 -3.89
C LEU A 67 3.20 13.02 -3.25
N MET A 68 3.15 12.85 -1.92
CA MET A 68 1.85 12.79 -1.22
C MET A 68 1.09 14.11 -1.39
N LYS A 69 1.82 15.20 -1.52
CA LYS A 69 1.22 16.51 -1.87
C LYS A 69 0.35 16.47 -3.16
N GLN A 70 0.65 15.56 -4.09
CA GLN A 70 -0.06 15.42 -5.38
C GLN A 70 -1.13 14.33 -5.39
N LEU A 71 -1.28 13.65 -4.27
CA LEU A 71 -2.11 12.48 -4.22
C LEU A 71 -2.97 12.52 -2.99
N GLN A 72 -3.86 13.51 -2.95
CA GLN A 72 -4.73 13.71 -1.81
C GLN A 72 -6.10 13.15 -2.12
N HIS A 73 -6.59 12.23 -1.28
CA HIS A 73 -7.92 11.60 -1.50
C HIS A 73 -8.30 10.95 -0.20
N GLN A 74 -9.61 10.84 0.09
CA GLN A 74 -10.04 10.17 1.34
C GLN A 74 -9.47 8.80 1.50
N ARG A 75 -9.22 8.10 0.38
CA ARG A 75 -8.84 6.69 0.44
C ARG A 75 -7.32 6.48 0.55
N LEU A 76 -6.56 7.58 0.63
CA LEU A 76 -5.11 7.57 0.78
C LEU A 76 -4.70 8.31 2.07
N VAL A 77 -3.73 7.74 2.78
CA VAL A 77 -3.21 8.32 4.00
C VAL A 77 -2.70 9.70 3.63
N ARG A 78 -3.13 10.69 4.40
CA ARG A 78 -2.95 12.10 4.00
C ARG A 78 -1.70 12.65 4.67
N LEU A 79 -0.88 13.36 3.88
CA LEU A 79 0.26 14.09 4.44
C LEU A 79 -0.29 15.20 5.36
N TYR A 80 0.24 15.26 6.57
CA TYR A 80 -0.15 16.25 7.56
C TYR A 80 0.81 17.47 7.54
N ALA A 81 2.11 17.21 7.55
CA ALA A 81 3.10 18.27 7.67
C ALA A 81 4.49 17.68 7.46
N VAL A 82 5.48 18.56 7.33
CA VAL A 82 6.88 18.17 7.32
C VAL A 82 7.68 19.07 8.29
N VAL A 83 8.80 18.54 8.78
CA VAL A 83 9.82 19.38 9.42
C VAL A 83 11.10 19.10 8.67
N THR A 84 11.61 20.09 7.95
CA THR A 84 12.69 19.82 7.00
C THR A 84 14.09 20.21 7.53
N GLN A 85 14.21 20.43 8.84
CA GLN A 85 15.51 20.52 9.54
C GLN A 85 15.80 19.21 10.28
N GLU A 86 17.07 18.82 10.34
CA GLU A 86 17.45 17.54 10.96
C GLU A 86 17.19 17.50 12.46
N PRO A 87 16.61 16.41 12.96
CA PRO A 87 16.11 15.23 12.23
C PRO A 87 14.81 15.52 11.47
N ILE A 88 14.81 15.22 10.19
CA ILE A 88 13.69 15.49 9.33
C ILE A 88 12.50 14.60 9.70
N TYR A 89 11.32 15.21 9.79
CA TYR A 89 10.09 14.45 10.04
C TYR A 89 9.12 14.54 8.84
N ILE A 90 8.42 13.45 8.56
CA ILE A 90 7.23 13.46 7.71
C ILE A 90 6.04 13.09 8.63
N ILE A 91 5.05 13.96 8.69
CA ILE A 91 3.94 13.75 9.64
C ILE A 91 2.71 13.40 8.81
N THR A 92 2.00 12.33 9.19
CA THR A 92 0.84 11.88 8.41
C THR A 92 -0.38 11.60 9.27
N GLU A 93 -1.52 11.44 8.58
CA GLU A 93 -2.78 10.97 9.16
C GLU A 93 -2.56 9.70 10.00
N TYR A 94 -3.00 9.71 11.25
CA TYR A 94 -2.88 8.53 12.11
C TYR A 94 -4.00 7.52 11.86
N MET A 95 -3.61 6.27 11.68
CA MET A 95 -4.58 5.21 11.41
C MET A 95 -4.62 4.24 12.63
N GLU A 96 -5.72 4.28 13.34
CA GLU A 96 -5.76 3.77 14.71
C GLU A 96 -5.66 2.26 14.81
N ASN A 97 -5.98 1.53 13.72
CA ASN A 97 -5.89 0.07 13.81
C ASN A 97 -4.69 -0.47 13.04
N GLY A 98 -3.78 0.41 12.65
CA GLY A 98 -2.49 -0.01 12.09
C GLY A 98 -2.58 -0.67 10.72
N SER A 99 -1.63 -1.55 10.42
CA SER A 99 -1.57 -2.15 9.11
C SER A 99 -2.61 -3.26 8.99
N LEU A 100 -3.15 -3.42 7.80
CA LEU A 100 -4.17 -4.42 7.55
C LEU A 100 -3.64 -5.81 7.84
N VAL A 101 -2.40 -6.10 7.39
CA VAL A 101 -1.81 -7.41 7.64
C VAL A 101 -1.79 -7.76 9.14
N ASP A 102 -1.52 -6.75 10.00
CA ASP A 102 -1.54 -6.92 11.45
C ASP A 102 -2.98 -6.95 12.00
N PHE A 103 -3.82 -6.03 11.53
CA PHE A 103 -5.19 -5.94 12.03
C PHE A 103 -6.01 -7.25 11.86
N LEU A 104 -5.84 -7.91 10.72
CA LEU A 104 -6.63 -9.11 10.40
C LEU A 104 -6.27 -10.29 11.32
N LYS A 105 -5.17 -10.17 12.04
CA LYS A 105 -4.77 -11.21 13.01
C LYS A 105 -5.22 -10.94 14.44
N THR A 106 -5.75 -9.76 14.70
CA THR A 106 -6.18 -9.42 16.06
C THR A 106 -7.56 -10.03 16.30
N PRO A 107 -7.99 -10.11 17.57
CA PRO A 107 -9.33 -10.63 17.85
C PRO A 107 -10.45 -9.91 17.06
N SER A 108 -10.35 -8.59 16.87
CA SER A 108 -11.34 -7.87 16.07
C SER A 108 -11.28 -8.28 14.63
N GLY A 109 -10.07 -8.41 14.10
CA GLY A 109 -9.87 -8.72 12.69
C GLY A 109 -10.34 -10.13 12.41
N ILE A 110 -10.06 -11.04 13.34
CA ILE A 110 -10.45 -12.46 13.21
C ILE A 110 -11.97 -12.61 13.10
N LYS A 111 -12.72 -11.80 13.82
CA LYS A 111 -14.17 -11.89 13.81
C LYS A 111 -14.87 -11.32 12.54
N LEU A 112 -14.14 -10.67 11.64
CA LEU A 112 -14.81 -10.07 10.48
C LEU A 112 -15.42 -11.10 9.53
N THR A 113 -16.62 -10.82 9.04
CA THR A 113 -17.31 -11.69 8.09
C THR A 113 -16.70 -11.48 6.73
N ILE A 114 -16.99 -12.39 5.78
CA ILE A 114 -16.52 -12.20 4.39
C ILE A 114 -17.12 -10.93 3.77
N ASN A 115 -18.33 -10.56 4.19
CA ASN A 115 -18.97 -9.34 3.71
C ASN A 115 -18.08 -8.12 3.97
N LYS A 116 -17.56 -8.05 5.19
CA LYS A 116 -16.74 -6.91 5.58
C LYS A 116 -15.36 -6.96 4.89
N LEU A 117 -14.82 -8.17 4.65
CA LEU A 117 -13.54 -8.29 4.01
C LEU A 117 -13.67 -7.79 2.57
N LEU A 118 -14.82 -8.07 1.95
CA LEU A 118 -15.11 -7.66 0.55
C LEU A 118 -15.28 -6.16 0.53
N ASP A 119 -15.95 -5.63 1.56
CA ASP A 119 -16.08 -4.15 1.74
C ASP A 119 -14.68 -3.49 1.76
N MET A 120 -13.81 -3.98 2.64
CA MET A 120 -12.44 -3.43 2.71
C MET A 120 -11.65 -3.57 1.38
N ALA A 121 -11.79 -4.70 0.69
CA ALA A 121 -11.14 -4.85 -0.62
C ALA A 121 -11.62 -3.78 -1.60
N ALA A 122 -12.93 -3.53 -1.62
CA ALA A 122 -13.46 -2.46 -2.48
C ALA A 122 -12.94 -1.09 -2.09
N GLN A 123 -12.84 -0.80 -0.80
CA GLN A 123 -12.20 0.50 -0.40
C GLN A 123 -10.77 0.65 -0.95
N ILE A 124 -10.03 -0.46 -0.92
CA ILE A 124 -8.65 -0.46 -1.40
C ILE A 124 -8.64 -0.24 -2.92
N ALA A 125 -9.48 -0.98 -3.65
CA ALA A 125 -9.61 -0.76 -5.09
C ALA A 125 -9.99 0.69 -5.42
N GLU A 126 -10.82 1.28 -4.56
CA GLU A 126 -11.26 2.67 -4.76
C GLU A 126 -10.11 3.65 -4.64
N GLY A 127 -9.27 3.46 -3.64
CA GLY A 127 -8.06 4.26 -3.54
C GLY A 127 -7.12 4.03 -4.70
N MET A 128 -6.93 2.78 -5.10
CA MET A 128 -6.09 2.51 -6.27
C MET A 128 -6.68 3.09 -7.60
N ALA A 129 -8.02 3.17 -7.72
CA ALA A 129 -8.61 3.77 -8.92
C ALA A 129 -8.25 5.28 -9.01
N PHE A 130 -8.19 5.95 -7.88
CA PHE A 130 -7.73 7.35 -7.85
C PHE A 130 -6.27 7.48 -8.29
N ILE A 131 -5.39 6.63 -7.75
CA ILE A 131 -3.97 6.60 -8.17
C ILE A 131 -3.84 6.38 -9.68
N GLU A 132 -4.57 5.39 -10.18
CA GLU A 132 -4.64 5.11 -11.61
C GLU A 132 -5.09 6.33 -12.44
N GLU A 133 -6.18 6.99 -12.01
CA GLU A 133 -6.71 8.16 -12.72
C GLU A 133 -5.72 9.33 -12.76
N ARG A 134 -4.92 9.46 -11.70
CA ARG A 134 -3.91 10.54 -11.62
C ARG A 134 -2.60 10.25 -12.34
N ASN A 135 -2.50 9.09 -12.98
CA ASN A 135 -1.29 8.74 -13.72
C ASN A 135 -0.13 8.35 -12.82
N TYR A 136 -0.45 7.88 -11.60
CA TYR A 136 0.59 7.34 -10.73
C TYR A 136 0.59 5.81 -10.68
N ILE A 137 1.69 5.26 -10.14
CA ILE A 137 1.71 3.83 -9.78
C ILE A 137 2.24 3.79 -8.38
N HIS A 138 1.92 2.73 -7.66
CA HIS A 138 2.31 2.61 -6.24
C HIS A 138 3.59 1.74 -6.07
N ARG A 139 3.60 0.58 -6.71
CA ARG A 139 4.72 -0.39 -6.77
C ARG A 139 4.98 -1.21 -5.50
N ASP A 140 4.24 -0.96 -4.42
CA ASP A 140 4.45 -1.70 -3.15
C ASP A 140 3.05 -2.00 -2.53
N LEU A 141 2.09 -2.38 -3.39
CA LEU A 141 0.72 -2.65 -2.96
C LEU A 141 0.67 -4.05 -2.32
N ARG A 142 0.35 -4.10 -1.03
CA ARG A 142 0.32 -5.33 -0.25
C ARG A 142 -0.33 -4.98 1.08
N ALA A 143 -0.83 -5.97 1.82
CA ALA A 143 -1.62 -5.68 3.00
C ALA A 143 -0.78 -5.00 4.08
N ALA A 144 0.54 -5.20 4.07
CA ALA A 144 1.41 -4.44 5.00
C ALA A 144 1.31 -2.91 4.79
N ASN A 145 0.97 -2.51 3.56
CA ASN A 145 0.88 -1.09 3.18
C ASN A 145 -0.53 -0.55 3.04
N ILE A 146 -1.51 -1.25 3.61
CA ILE A 146 -2.85 -0.70 3.75
C ILE A 146 -3.02 -0.42 5.26
N LEU A 147 -3.57 0.74 5.62
CA LEU A 147 -3.78 1.04 7.04
C LEU A 147 -5.28 1.09 7.32
N VAL A 148 -5.63 0.83 8.58
CA VAL A 148 -7.03 0.66 8.97
C VAL A 148 -7.37 1.68 10.03
N SER A 149 -8.55 2.30 9.89
CA SER A 149 -8.96 3.37 10.77
C SER A 149 -9.71 2.78 11.96
N ASP A 150 -9.98 3.63 12.94
CA ASP A 150 -10.82 3.21 14.08
C ASP A 150 -12.27 2.86 13.64
N THR A 151 -12.72 3.28 12.46
CA THR A 151 -14.08 2.93 11.98
C THR A 151 -14.06 1.76 10.98
N LEU A 152 -12.91 1.07 10.91
CA LEU A 152 -12.69 -0.07 10.03
C LEU A 152 -12.83 0.30 8.55
N SER A 153 -12.30 1.46 8.19
CA SER A 153 -12.14 1.80 6.79
C SER A 153 -10.63 1.70 6.49
N CYS A 154 -10.28 1.51 5.23
CA CYS A 154 -8.90 1.24 4.81
C CYS A 154 -8.39 2.36 3.95
N LYS A 155 -7.10 2.62 4.04
CA LYS A 155 -6.46 3.65 3.19
C LYS A 155 -5.14 3.11 2.66
N ILE A 156 -4.78 3.54 1.45
CA ILE A 156 -3.47 3.18 0.88
C ILE A 156 -2.35 3.98 1.58
N ALA A 157 -1.23 3.33 1.94
CA ALA A 157 -0.12 4.02 2.62
C ALA A 157 1.23 3.70 1.94
N ASP A 158 2.31 4.27 2.50
CA ASP A 158 3.70 4.01 2.06
C ASP A 158 3.95 4.27 0.58
N PHE A 159 4.15 5.54 0.27
CA PHE A 159 4.30 6.02 -1.07
C PHE A 159 5.76 6.16 -1.52
N GLY A 160 6.68 5.54 -0.79
CA GLY A 160 8.11 5.73 -1.07
C GLY A 160 8.52 5.29 -2.47
N LEU A 161 7.86 4.25 -2.99
CA LEU A 161 8.17 3.74 -4.34
C LEU A 161 7.24 4.29 -5.41
N ALA A 162 6.22 5.03 -4.96
CA ALA A 162 5.19 5.56 -5.86
C ALA A 162 5.83 6.54 -6.87
N ARG A 163 5.34 6.54 -8.10
CA ARG A 163 5.95 7.36 -9.17
C ARG A 163 4.89 7.92 -10.12
N LEU A 164 5.09 9.17 -10.57
CA LEU A 164 4.29 9.73 -11.66
C LEU A 164 4.69 9.08 -13.00
N ILE A 165 3.72 8.53 -13.69
CA ILE A 165 3.98 7.95 -14.99
C ILE A 165 3.89 9.05 -16.05
N GLU A 166 4.95 9.23 -16.83
CA GLU A 166 4.91 10.18 -17.95
C GLU A 166 4.35 9.52 -19.21
N ASP A 167 4.87 8.31 -19.49
CA ASP A 167 4.62 7.52 -20.72
C ASP A 167 4.12 6.08 -20.45
N ASN A 168 3.10 5.95 -19.62
CA ASN A 168 2.56 4.63 -19.25
C ASN A 168 3.43 3.68 -18.40
N GLU A 169 4.77 3.77 -18.51
CA GLU A 169 5.66 2.90 -17.73
C GLU A 169 6.92 3.52 -17.10
N THR A 171 10.70 2.38 -15.56
CA THR A 171 11.69 1.31 -15.62
C THR A 171 12.69 1.53 -14.46
N ALA A 172 12.76 0.57 -13.54
CA ALA A 172 13.67 0.67 -12.39
C ALA A 172 15.12 0.38 -12.78
N ARG A 173 16.04 0.60 -11.84
CA ARG A 173 17.46 0.20 -11.99
C ARG A 173 17.61 -1.33 -12.23
N GLU A 174 18.66 -1.75 -12.92
CA GLU A 174 18.77 -3.18 -13.19
C GLU A 174 19.35 -4.01 -12.05
N GLY A 175 19.92 -3.34 -11.05
CA GLY A 175 20.15 -3.94 -9.73
C GLY A 175 19.01 -3.74 -8.72
N ALA A 176 17.84 -3.31 -9.18
CA ALA A 176 16.72 -3.02 -8.26
C ALA A 176 15.93 -4.30 -7.96
N LYS A 177 15.57 -4.49 -6.69
CA LYS A 177 15.01 -5.78 -6.23
C LYS A 177 13.64 -5.63 -5.55
N PHE A 178 12.70 -6.51 -5.90
CA PHE A 178 11.31 -6.37 -5.41
C PHE A 178 10.75 -7.69 -4.81
N PRO A 179 9.75 -7.60 -3.89
CA PRO A 179 9.21 -8.83 -3.28
C PRO A 179 8.59 -9.72 -4.34
N ILE A 180 9.14 -10.92 -4.52
CA ILE A 180 8.79 -11.73 -5.65
C ILE A 180 7.32 -12.13 -5.63
N LYS A 181 6.78 -12.46 -4.46
CA LYS A 181 5.45 -13.04 -4.38
C LYS A 181 4.39 -12.03 -4.73
N TRP A 182 4.67 -10.73 -4.52
CA TRP A 182 3.68 -9.65 -4.73
C TRP A 182 3.82 -8.91 -6.05
N THR A 183 4.99 -9.07 -6.67
CA THR A 183 5.33 -8.30 -7.85
C THR A 183 5.03 -9.04 -9.18
N ALA A 184 4.50 -8.31 -10.15
CA ALA A 184 4.15 -8.85 -11.47
C ALA A 184 5.39 -9.38 -12.21
N PRO A 185 5.26 -10.52 -12.95
CA PRO A 185 6.41 -11.08 -13.67
C PRO A 185 7.17 -10.02 -14.50
N GLU A 186 6.46 -9.16 -15.23
CA GLU A 186 7.15 -8.16 -16.09
C GLU A 186 8.01 -7.16 -15.33
N ALA A 187 7.64 -6.88 -14.09
CA ALA A 187 8.43 -6.01 -13.22
C ALA A 187 9.65 -6.74 -12.63
N ILE A 188 9.44 -7.97 -12.16
CA ILE A 188 10.56 -8.82 -11.74
C ILE A 188 11.55 -9.03 -12.89
N ASN A 189 11.04 -9.36 -14.06
CA ASN A 189 11.88 -9.74 -15.20
C ASN A 189 12.61 -8.62 -15.94
N TYR A 190 11.94 -7.48 -16.10
CA TYR A 190 12.42 -6.40 -16.96
C TYR A 190 12.52 -5.07 -16.22
N GLY A 191 12.05 -5.05 -14.98
CA GLY A 191 12.08 -3.83 -14.19
C GLY A 191 11.01 -2.86 -14.64
N THR A 192 10.11 -3.32 -15.52
CA THR A 192 9.07 -2.46 -16.10
C THR A 192 7.76 -2.51 -15.29
N PHE A 193 7.35 -1.35 -14.79
CA PHE A 193 6.15 -1.19 -13.95
C PHE A 193 5.11 -0.32 -14.61
N THR A 194 3.85 -0.75 -14.57
CA THR A 194 2.72 0.09 -15.03
C THR A 194 1.62 -0.05 -13.99
N ILE A 195 0.52 0.65 -14.17
CA ILE A 195 -0.61 0.46 -13.27
C ILE A 195 -1.10 -1.01 -13.32
N LYS A 196 -0.82 -1.73 -14.43
CA LYS A 196 -1.23 -3.17 -14.56
C LYS A 196 -0.37 -4.08 -13.67
N SER A 197 0.84 -3.64 -13.33
CA SER A 197 1.65 -4.32 -12.33
C SER A 197 1.04 -4.20 -10.95
N ASP A 198 0.51 -3.02 -10.61
CA ASP A 198 -0.22 -2.82 -9.36
C ASP A 198 -1.49 -3.72 -9.33
N VAL A 199 -2.15 -3.89 -10.48
CA VAL A 199 -3.33 -4.78 -10.55
C VAL A 199 -2.93 -6.21 -10.17
N TRP A 200 -1.82 -6.70 -10.70
CA TRP A 200 -1.30 -8.03 -10.31
C TRP A 200 -1.13 -8.09 -8.79
N SER A 201 -0.44 -7.09 -8.23
CA SER A 201 -0.21 -7.02 -6.80
C SER A 201 -1.52 -7.03 -6.02
N PHE A 202 -2.53 -6.34 -6.56
CA PHE A 202 -3.85 -6.31 -5.92
C PHE A 202 -4.48 -7.70 -5.84
N GLY A 203 -4.28 -8.51 -6.87
CA GLY A 203 -4.81 -9.90 -6.79
C GLY A 203 -4.15 -10.67 -5.62
N ILE A 204 -2.86 -10.46 -5.43
CA ILE A 204 -2.12 -11.12 -4.34
C ILE A 204 -2.63 -10.55 -3.00
N LEU A 205 -2.87 -9.22 -2.94
CA LEU A 205 -3.41 -8.57 -1.73
C LEU A 205 -4.77 -9.19 -1.33
N LEU A 206 -5.61 -9.47 -2.31
CA LEU A 206 -6.87 -10.15 -2.04
C LEU A 206 -6.69 -11.51 -1.35
N THR A 207 -5.65 -12.26 -1.69
CA THR A 207 -5.38 -13.52 -0.94
C THR A 207 -5.02 -13.26 0.51
N GLU A 208 -4.25 -12.18 0.76
CA GLU A 208 -3.96 -11.83 2.14
C GLU A 208 -5.20 -11.43 2.91
N ILE A 209 -6.14 -10.79 2.25
CA ILE A 209 -7.36 -10.39 2.98
C ILE A 209 -8.14 -11.64 3.41
N VAL A 210 -8.32 -12.54 2.46
CA VAL A 210 -9.18 -13.70 2.71
C VAL A 210 -8.51 -14.72 3.66
N THR A 211 -7.18 -14.73 3.75
CA THR A 211 -6.51 -15.69 4.62
C THR A 211 -6.13 -15.03 5.97
N HIS A 212 -6.69 -13.87 6.23
CA HIS A 212 -6.32 -13.08 7.42
C HIS A 212 -4.83 -12.89 7.57
N GLY A 213 -4.16 -12.55 6.45
CA GLY A 213 -2.76 -12.14 6.46
C GLY A 213 -1.70 -13.21 6.30
N ARG A 214 -2.08 -14.38 5.78
CA ARG A 214 -1.12 -15.45 5.52
C ARG A 214 -0.22 -15.04 4.34
N ILE A 215 1.00 -15.56 4.33
CA ILE A 215 1.92 -15.37 3.21
C ILE A 215 1.35 -16.08 1.95
N PRO A 216 1.37 -15.37 0.80
CA PRO A 216 0.94 -15.93 -0.50
C PRO A 216 1.76 -17.15 -0.90
N TYR A 217 1.16 -18.00 -1.74
CA TYR A 217 1.81 -19.19 -2.29
C TYR A 217 2.31 -20.09 -1.16
N PRO A 218 1.40 -20.58 -0.29
CA PRO A 218 1.73 -21.39 0.88
C PRO A 218 2.74 -22.50 0.55
N GLY A 219 3.79 -22.59 1.36
CA GLY A 219 4.77 -23.69 1.23
C GLY A 219 5.68 -23.60 0.02
N MET A 220 5.70 -22.44 -0.66
CA MET A 220 6.58 -22.26 -1.83
C MET A 220 7.66 -21.24 -1.59
N THR A 221 8.87 -21.57 -2.08
CA THR A 221 9.98 -20.61 -2.16
C THR A 221 9.79 -19.70 -3.37
N ASN A 222 10.55 -18.59 -3.44
CA ASN A 222 10.51 -17.74 -4.61
C ASN A 222 10.80 -18.40 -5.97
N PRO A 223 11.87 -19.23 -6.08
CA PRO A 223 12.15 -19.95 -7.31
C PRO A 223 10.97 -20.85 -7.74
N GLU A 224 10.35 -21.52 -6.77
CA GLU A 224 9.19 -22.36 -7.03
C GLU A 224 7.99 -21.52 -7.55
N VAL A 225 7.77 -20.34 -6.95
CA VAL A 225 6.69 -19.42 -7.41
C VAL A 225 6.94 -19.03 -8.87
N ILE A 226 8.16 -18.59 -9.16
CA ILE A 226 8.53 -18.20 -10.54
C ILE A 226 8.35 -19.33 -11.53
N GLN A 227 8.74 -20.54 -11.12
CA GLN A 227 8.64 -21.74 -11.95
C GLN A 227 7.18 -22.08 -12.29
N ASN A 228 6.31 -22.00 -11.29
CA ASN A 228 4.94 -22.39 -11.48
C ASN A 228 4.22 -21.39 -12.36
N LEU A 229 4.49 -20.12 -12.11
CA LEU A 229 3.90 -19.06 -12.93
C LEU A 229 4.24 -19.19 -14.40
N GLU A 230 5.50 -19.51 -14.70
CA GLU A 230 5.95 -19.69 -16.08
C GLU A 230 5.30 -20.90 -16.76
N ARG A 231 4.87 -21.88 -15.97
CA ARG A 231 4.09 -23.04 -16.44
C ARG A 231 2.64 -22.67 -16.72
N GLY A 232 2.21 -21.55 -16.17
CA GLY A 232 0.83 -21.10 -16.37
C GLY A 232 -0.05 -21.37 -15.18
N TYR A 233 0.52 -21.90 -14.11
CA TYR A 233 -0.22 -22.07 -12.86
C TYR A 233 -0.33 -20.71 -12.19
N ARG A 234 -1.33 -20.56 -11.34
CA ARG A 234 -1.46 -19.39 -10.50
C ARG A 234 -1.57 -19.90 -9.06
N MET A 235 -1.64 -18.98 -8.09
CA MET A 235 -1.71 -19.43 -6.69
C MET A 235 -2.91 -20.38 -6.56
N VAL A 236 -2.69 -21.48 -5.86
CA VAL A 236 -3.76 -22.39 -5.47
C VAL A 236 -4.91 -21.63 -4.72
N ARG A 237 -6.15 -22.02 -4.98
CA ARG A 237 -7.29 -21.47 -4.24
C ARG A 237 -7.03 -21.49 -2.75
N PRO A 238 -7.05 -20.30 -2.10
CA PRO A 238 -6.89 -20.26 -0.64
C PRO A 238 -8.07 -20.90 0.06
N ASP A 239 -7.85 -21.44 1.27
CA ASP A 239 -8.92 -22.03 2.06
C ASP A 239 -9.95 -20.94 2.32
N ASN A 240 -11.23 -21.33 2.24
CA ASN A 240 -12.38 -20.44 2.49
C ASN A 240 -12.43 -19.18 1.62
N CYS A 241 -12.04 -19.33 0.37
CA CYS A 241 -12.10 -18.20 -0.58
C CYS A 241 -13.33 -18.43 -1.44
N PRO A 242 -14.27 -17.46 -1.51
CA PRO A 242 -15.41 -17.56 -2.41
C PRO A 242 -14.93 -17.71 -3.84
N GLU A 243 -15.53 -18.62 -4.61
CA GLU A 243 -15.05 -18.82 -5.99
C GLU A 243 -15.14 -17.55 -6.84
N GLU A 244 -16.15 -16.70 -6.60
CA GLU A 244 -16.21 -15.45 -7.34
C GLU A 244 -14.97 -14.60 -7.11
N LEU A 245 -14.54 -14.53 -5.87
CA LEU A 245 -13.34 -13.76 -5.50
C LEU A 245 -12.09 -14.37 -6.10
N TYR A 246 -12.00 -15.70 -6.11
CA TYR A 246 -10.84 -16.36 -6.76
C TYR A 246 -10.78 -16.03 -8.25
N GLN A 247 -11.91 -16.07 -8.96
CA GLN A 247 -11.91 -15.72 -10.40
C GLN A 247 -11.55 -14.24 -10.64
N LEU A 248 -11.88 -13.39 -9.70
CA LEU A 248 -11.46 -11.98 -9.78
C LEU A 248 -9.94 -11.85 -9.63
N MET A 249 -9.34 -12.59 -8.67
CA MET A 249 -7.90 -12.68 -8.55
C MET A 249 -7.26 -13.13 -9.86
N ARG A 250 -7.82 -14.14 -10.48
CA ARG A 250 -7.25 -14.68 -11.73
C ARG A 250 -7.22 -13.63 -12.83
N LEU A 251 -8.21 -12.73 -12.84
CA LEU A 251 -8.20 -11.63 -13.82
C LEU A 251 -7.01 -10.72 -13.59
N CYS A 252 -6.68 -10.47 -12.32
CA CYS A 252 -5.52 -9.64 -11.98
C CYS A 252 -4.19 -10.29 -12.39
N TRP A 253 -4.21 -11.62 -12.55
CA TRP A 253 -3.01 -12.36 -12.84
C TRP A 253 -2.92 -12.82 -14.30
N LYS A 254 -3.66 -12.16 -15.17
CA LYS A 254 -3.51 -12.45 -16.58
C LYS A 254 -2.05 -12.28 -17.02
N GLU A 255 -1.61 -13.13 -17.93
CA GLU A 255 -0.28 -13.07 -18.47
C GLU A 255 0.08 -11.69 -19.11
N ARG A 256 -0.71 -11.23 -20.06
CA ARG A 256 -0.45 -9.87 -20.65
C ARG A 256 -0.95 -8.74 -19.75
N PRO A 257 -0.08 -7.78 -19.42
CA PRO A 257 -0.51 -6.65 -18.57
C PRO A 257 -1.78 -6.02 -19.10
N GLU A 258 -1.84 -5.77 -20.41
CA GLU A 258 -2.98 -5.09 -20.99
C GLU A 258 -4.32 -5.87 -20.87
N ASP A 259 -4.26 -7.18 -20.61
CA ASP A 259 -5.48 -8.00 -20.42
C ASP A 259 -6.05 -7.93 -19.01
N ARG A 260 -5.28 -7.39 -18.08
CA ARG A 260 -5.70 -7.25 -16.68
C ARG A 260 -6.69 -6.10 -16.55
N PRO A 261 -7.62 -6.19 -15.59
CA PRO A 261 -8.66 -5.15 -15.56
C PRO A 261 -8.15 -3.82 -15.01
N THR A 262 -8.99 -2.78 -15.13
CA THR A 262 -8.73 -1.50 -14.46
C THR A 262 -9.12 -1.57 -12.97
N PHE A 263 -8.58 -0.65 -12.17
CA PHE A 263 -8.98 -0.59 -10.77
C PHE A 263 -10.43 -0.12 -10.60
N ASP A 264 -10.88 0.72 -11.53
CA ASP A 264 -12.28 1.13 -11.50
C ASP A 264 -13.23 -0.08 -11.69
N TYR A 265 -12.86 -0.96 -12.60
CA TYR A 265 -13.62 -2.21 -12.79
C TYR A 265 -13.60 -3.07 -11.51
N LEU A 266 -12.40 -3.28 -10.99
CA LEU A 266 -12.22 -4.04 -9.76
C LEU A 266 -13.05 -3.45 -8.61
N ARG A 267 -13.05 -2.13 -8.47
CA ARG A 267 -13.87 -1.49 -7.43
C ARG A 267 -15.35 -1.84 -7.68
N SER A 268 -15.78 -1.67 -8.93
CA SER A 268 -17.19 -1.92 -9.25
C SER A 268 -17.64 -3.34 -8.93
N VAL A 269 -16.83 -4.32 -9.29
CA VAL A 269 -17.18 -5.71 -9.05
C VAL A 269 -17.20 -5.99 -7.54
N LEU A 270 -16.22 -5.48 -6.82
CA LEU A 270 -16.13 -5.82 -5.40
C LEU A 270 -17.31 -5.20 -4.62
N GLU A 271 -17.76 -4.04 -5.06
CA GLU A 271 -18.97 -3.41 -4.45
C GLU A 271 -20.23 -4.26 -4.71
N ASP A 272 -20.30 -4.87 -5.88
CA ASP A 272 -21.37 -5.81 -6.20
C ASP A 272 -21.30 -7.08 -5.35
N PHE A 273 -20.08 -7.60 -5.13
CA PHE A 273 -19.88 -8.78 -4.28
C PHE A 273 -20.32 -8.44 -2.84
N PHE A 274 -19.97 -7.23 -2.39
CA PHE A 274 -20.27 -6.77 -1.03
C PHE A 274 -21.79 -6.65 -0.84
N THR A 275 -22.48 -5.95 -1.74
CA THR A 275 -23.90 -5.69 -1.52
C THR A 275 -24.74 -6.96 -1.66
N ALA A 276 -24.25 -7.92 -2.46
CA ALA A 276 -24.90 -9.22 -2.57
C ALA A 276 -24.59 -10.17 -1.41
N THR A 277 -23.67 -9.80 -0.51
CA THR A 277 -23.36 -10.64 0.66
C THR A 277 -23.77 -9.94 1.96
N GLU A 278 -23.14 -10.16 3.03
#